data_4FSR
#
_entry.id   4FSR
#
_cell.length_a   45.052
_cell.length_b   65.770
_cell.length_c   57.983
_cell.angle_alpha   90.000
_cell.angle_beta   94.510
_cell.angle_gamma   90.000
#
_symmetry.space_group_name_H-M   'P 1 21 1'
#
loop_
_entity.id
_entity.type
_entity.pdbx_description
1 polymer 'Serine/threonine-protein kinase Chk1'
2 non-polymer 6,7-dimethoxy-3-[4-(1H-tetrazol-5-yl)phenyl]-1,4-dihydroindeno[1,2-c]pyrazole
3 non-polymer 'SULFATE ION'
4 water water
#
_entity_poly.entity_id   1
_entity_poly.type   'polypeptide(L)'
_entity_poly.pdbx_seq_one_letter_code
;AVPFVEDWDLVQTLGEGAYGEVQLAVNRVTEEAVAVKIVDMKRAVDCPENIKKEICINKMLNHENVVKFYGHRREGNIQY
LFLEYCSGGELFDRIEPDIGMPEPDAQRFFHQLMAGVVYLHGIGITHRDIKPENLLLDERDNLKISDFGLATVFRYNNRE
RLLNKMCGTLPYVAPELLKRREFHAEPVDVWSCGIVLTAMLAGELPWDQPSDSCQEYSDWKEKKTYLNPWKKIDSAPLAL
LHKILVENPSARITIPDIKKDRWYNKPLKKGAKRPRVTS
;
_entity_poly.pdbx_strand_id   A
#
loop_
_chem_comp.id
_chem_comp.type
_chem_comp.name
_chem_comp.formula
HKC non-polymer 6,7-dimethoxy-3-[4-(1H-tetrazol-5-yl)phenyl]-1,4-dihydroindeno[1,2-c]pyrazole 'C19 H16 N6 O2'
SO4 non-polymer 'SULFATE ION' 'O4 S -2'
#
# COMPACT_ATOMS: atom_id res chain seq x y z
N VAL A 2 -10.47 32.41 -17.98
CA VAL A 2 -9.25 32.65 -17.20
C VAL A 2 -8.03 32.08 -17.97
N PRO A 3 -7.15 32.96 -18.53
CA PRO A 3 -5.98 32.46 -19.28
C PRO A 3 -4.92 31.77 -18.42
N PHE A 4 -4.11 30.90 -19.08
CA PHE A 4 -2.93 30.17 -18.58
C PHE A 4 -3.21 29.16 -17.43
N VAL A 5 -4.49 29.00 -17.01
CA VAL A 5 -4.92 28.11 -15.92
C VAL A 5 -4.56 26.61 -16.21
N GLU A 6 -4.36 26.23 -17.48
CA GLU A 6 -4.06 24.86 -17.88
C GLU A 6 -2.55 24.61 -17.99
N ASP A 7 -1.71 25.61 -17.65
CA ASP A 7 -0.25 25.50 -17.75
C ASP A 7 0.37 25.10 -16.42
N TRP A 8 1.14 23.99 -16.45
CA TRP A 8 1.83 23.37 -15.31
C TRP A 8 3.34 23.39 -15.53
N ASP A 9 4.12 23.73 -14.49
CA ASP A 9 5.57 23.73 -14.57
C ASP A 9 6.13 22.51 -13.87
N LEU A 10 6.98 21.75 -14.57
CA LEU A 10 7.63 20.57 -14.01
C LEU A 10 8.82 21.05 -13.17
N VAL A 11 8.54 21.27 -11.88
CA VAL A 11 9.37 21.82 -10.80
C VAL A 11 10.52 20.86 -10.36
N GLN A 12 10.23 19.57 -10.05
CA GLN A 12 11.25 18.59 -9.60
C GLN A 12 10.81 17.12 -9.76
N THR A 13 11.79 16.19 -9.73
CA THR A 13 11.57 14.74 -9.86
C THR A 13 11.12 14.17 -8.53
N LEU A 14 10.04 13.39 -8.56
CA LEU A 14 9.50 12.75 -7.36
C LEU A 14 9.83 11.23 -7.31
N GLY A 15 10.04 10.61 -8.47
CA GLY A 15 10.36 9.19 -8.59
C GLY A 15 10.65 8.72 -10.00
N GLU A 16 11.08 7.46 -10.16
CA GLU A 16 11.43 6.84 -11.44
C GLU A 16 10.71 5.47 -11.63
N GLY A 17 11.13 4.68 -12.63
CA GLY A 17 10.55 3.39 -12.97
C GLY A 17 10.64 3.04 -14.45
N GLY A 20 8.94 4.95 -16.52
CA GLY A 20 9.25 6.35 -16.76
C GLY A 20 9.66 7.14 -15.53
N GLU A 21 9.05 8.33 -15.34
CA GLU A 21 9.33 9.24 -14.21
C GLU A 21 8.06 9.95 -13.70
N VAL A 22 8.09 10.36 -12.42
CA VAL A 22 7.04 11.10 -11.74
C VAL A 22 7.60 12.50 -11.45
N GLN A 23 6.90 13.55 -11.90
CA GLN A 23 7.33 14.93 -11.67
C GLN A 23 6.33 15.71 -10.83
N LEU A 24 6.84 16.60 -9.97
CA LEU A 24 5.98 17.53 -9.25
C LEU A 24 5.65 18.66 -10.24
N ALA A 25 4.35 18.90 -10.48
CA ALA A 25 3.85 19.93 -11.39
C ALA A 25 3.10 21.00 -10.62
N VAL A 26 3.48 22.26 -10.84
CA VAL A 26 2.88 23.40 -10.16
C VAL A 26 2.13 24.24 -11.19
N ASN A 27 0.87 24.54 -10.90
CA ASN A 27 0.04 25.35 -11.77
C ASN A 27 0.57 26.79 -11.82
N ARG A 28 0.71 27.31 -13.04
CA ARG A 28 1.21 28.65 -13.36
C ARG A 28 0.41 29.77 -12.67
N VAL A 29 -0.93 29.64 -12.65
CA VAL A 29 -1.86 30.61 -12.11
C VAL A 29 -2.17 30.35 -10.64
N THR A 30 -2.71 29.16 -10.31
CA THR A 30 -3.18 28.83 -8.96
C THR A 30 -2.09 28.32 -8.01
N GLU A 31 -0.99 27.81 -8.57
CA GLU A 31 0.15 27.24 -7.83
C GLU A 31 -0.22 25.92 -7.12
N GLU A 32 -1.31 25.26 -7.57
CA GLU A 32 -1.71 23.95 -7.06
C GLU A 32 -0.69 22.91 -7.50
N ALA A 33 -0.35 22.01 -6.58
CA ALA A 33 0.63 20.96 -6.84
C ALA A 33 -0.07 19.66 -7.19
N VAL A 34 0.47 18.99 -8.21
CA VAL A 34 0.03 17.67 -8.66
C VAL A 34 1.30 16.87 -9.01
N ALA A 35 1.19 15.54 -9.00
CA ALA A 35 2.26 14.64 -9.43
C ALA A 35 1.91 14.18 -10.84
N VAL A 36 2.85 14.33 -11.78
CA VAL A 36 2.60 13.95 -13.17
C VAL A 36 3.48 12.76 -13.51
N LYS A 37 2.83 11.66 -13.94
CA LYS A 37 3.51 10.45 -14.35
C LYS A 37 3.73 10.51 -15.85
N ILE A 38 5.01 10.48 -16.27
CA ILE A 38 5.43 10.55 -17.66
C ILE A 38 5.75 9.13 -18.14
N VAL A 39 4.87 8.58 -18.98
CA VAL A 39 4.93 7.22 -19.51
C VAL A 39 5.27 7.26 -21.01
N ASP A 40 6.49 6.80 -21.35
CA ASP A 40 6.97 6.68 -22.73
C ASP A 40 6.55 5.29 -23.21
N MET A 41 5.39 5.23 -23.91
CA MET A 41 4.73 4.00 -24.40
C MET A 41 5.60 3.08 -25.32
N LYS A 42 6.72 3.61 -25.89
CA LYS A 42 7.65 2.82 -26.73
C LYS A 42 9.09 3.09 -26.34
N ASN A 50 -1.85 -1.99 -21.45
CA ASN A 50 -1.30 -1.82 -20.11
C ASN A 50 -1.70 -0.47 -19.49
N ILE A 51 -1.37 0.64 -20.19
CA ILE A 51 -1.67 2.01 -19.77
C ILE A 51 -3.20 2.26 -19.86
N LYS A 52 -3.87 1.59 -20.81
CA LYS A 52 -5.32 1.67 -21.03
C LYS A 52 -6.09 1.14 -19.81
N LYS A 53 -5.60 0.03 -19.20
CA LYS A 53 -6.16 -0.59 -18.00
C LYS A 53 -5.87 0.29 -16.78
N GLU A 54 -4.60 0.77 -16.66
CA GLU A 54 -4.12 1.63 -15.58
C GLU A 54 -4.97 2.89 -15.47
N ILE A 55 -5.29 3.55 -16.62
CA ILE A 55 -6.10 4.76 -16.65
C ILE A 55 -7.57 4.39 -16.35
N CYS A 56 -8.02 3.24 -16.88
CA CYS A 56 -9.38 2.74 -16.68
C CYS A 56 -9.66 2.46 -15.20
N ILE A 57 -8.72 1.77 -14.50
CA ILE A 57 -8.83 1.46 -13.08
C ILE A 57 -8.82 2.79 -12.27
N ASN A 58 -7.92 3.74 -12.63
CA ASN A 58 -7.76 5.04 -11.98
C ASN A 58 -9.03 5.92 -12.06
N LYS A 59 -9.80 5.82 -13.15
CA LYS A 59 -11.04 6.57 -13.34
C LYS A 59 -12.17 6.07 -12.40
N MET A 60 -12.09 4.81 -11.91
CA MET A 60 -13.06 4.22 -10.97
C MET A 60 -12.80 4.65 -9.51
N LEU A 61 -11.56 5.09 -9.20
CA LEU A 61 -11.08 5.35 -7.84
C LEU A 61 -11.38 6.73 -7.29
N ASN A 62 -12.05 6.72 -6.13
CA ASN A 62 -12.43 7.91 -5.36
C ASN A 62 -12.63 7.51 -3.90
N HIS A 63 -11.55 7.68 -3.12
CA HIS A 63 -11.48 7.38 -1.69
C HIS A 63 -10.39 8.22 -1.05
N GLU A 64 -10.58 8.59 0.22
CA GLU A 64 -9.65 9.43 1.01
C GLU A 64 -8.27 8.75 1.28
N ASN A 65 -8.18 7.41 1.15
CA ASN A 65 -6.94 6.69 1.38
C ASN A 65 -6.37 6.06 0.07
N VAL A 66 -6.74 6.65 -1.07
CA VAL A 66 -6.33 6.26 -2.43
C VAL A 66 -5.93 7.56 -3.16
N VAL A 67 -4.75 7.55 -3.82
CA VAL A 67 -4.22 8.68 -4.58
C VAL A 67 -5.26 9.09 -5.65
N LYS A 68 -5.57 10.41 -5.68
CA LYS A 68 -6.54 11.03 -6.60
C LYS A 68 -6.01 11.04 -7.99
N PHE A 69 -6.87 10.68 -8.94
CA PHE A 69 -6.58 10.73 -10.36
C PHE A 69 -7.34 11.92 -10.91
N TYR A 70 -6.62 12.91 -11.43
CA TYR A 70 -7.26 14.13 -11.94
C TYR A 70 -7.59 14.04 -13.44
N GLY A 71 -6.86 13.21 -14.18
CA GLY A 71 -7.05 12.97 -15.60
C GLY A 71 -5.78 12.58 -16.32
N HIS A 72 -5.89 12.35 -17.64
CA HIS A 72 -4.77 11.98 -18.49
C HIS A 72 -4.76 12.80 -19.79
N ARG A 73 -3.56 13.00 -20.36
CA ARG A 73 -3.33 13.68 -21.62
C ARG A 73 -2.29 12.91 -22.40
N ARG A 74 -2.56 12.63 -23.68
CA ARG A 74 -1.64 11.90 -24.55
C ARG A 74 -1.07 12.80 -25.63
N GLU A 75 0.27 12.94 -25.67
CA GLU A 75 0.97 13.73 -26.67
C GLU A 75 1.93 12.79 -27.43
N GLY A 76 1.41 12.18 -28.50
CA GLY A 76 2.13 11.24 -29.35
C GLY A 76 2.46 9.94 -28.65
N ASN A 77 3.76 9.73 -28.37
CA ASN A 77 4.27 8.53 -27.71
C ASN A 77 4.36 8.71 -26.17
N ILE A 78 4.24 9.97 -25.68
CA ILE A 78 4.31 10.29 -24.24
C ILE A 78 2.90 10.47 -23.65
N GLN A 79 2.59 9.65 -22.62
CA GLN A 79 1.33 9.68 -21.88
C GLN A 79 1.58 10.36 -20.51
N TYR A 80 0.75 11.37 -20.18
CA TYR A 80 0.86 12.16 -18.94
C TYR A 80 -0.29 11.86 -18.00
N LEU A 81 0.02 11.24 -16.83
CA LEU A 81 -1.01 10.93 -15.83
C LEU A 81 -0.96 11.96 -14.72
N PHE A 82 -2.09 12.70 -14.52
CA PHE A 82 -2.18 13.77 -13.53
C PHE A 82 -2.75 13.21 -12.24
N LEU A 83 -1.86 13.07 -11.25
CA LEU A 83 -2.19 12.44 -9.97
C LEU A 83 -1.91 13.35 -8.79
N GLU A 84 -2.43 12.95 -7.62
CA GLU A 84 -2.32 13.68 -6.36
C GLU A 84 -0.89 13.85 -5.88
N TYR A 85 -0.57 15.06 -5.43
CA TYR A 85 0.73 15.36 -4.82
C TYR A 85 0.56 15.11 -3.34
N CYS A 86 1.47 14.32 -2.76
CA CYS A 86 1.41 13.97 -1.36
C CYS A 86 2.70 14.49 -0.71
N SER A 87 2.60 15.66 -0.04
CA SER A 87 3.73 16.39 0.55
C SER A 87 4.44 15.66 1.70
N GLY A 88 3.78 14.67 2.31
CA GLY A 88 4.38 13.85 3.35
C GLY A 88 5.35 12.81 2.78
N GLY A 89 5.35 12.65 1.46
CA GLY A 89 6.21 11.71 0.75
C GLY A 89 5.78 10.27 0.91
N GLU A 90 6.75 9.35 0.94
CA GLU A 90 6.50 7.90 1.07
C GLU A 90 6.54 7.43 2.51
N LEU A 91 5.72 6.42 2.84
CA LEU A 91 5.69 5.73 4.13
C LEU A 91 7.05 5.07 4.37
N PHE A 92 7.70 4.63 3.28
CA PHE A 92 9.01 4.01 3.27
C PHE A 92 10.04 4.84 4.06
N ASP A 93 10.01 6.17 3.91
CA ASP A 93 10.92 7.11 4.56
C ASP A 93 10.50 7.51 5.99
N ARG A 94 9.49 6.85 6.56
CA ARG A 94 9.06 7.07 7.94
C ARG A 94 9.47 5.84 8.78
N ILE A 95 10.00 4.80 8.09
CA ILE A 95 10.45 3.55 8.68
C ILE A 95 11.96 3.64 8.93
N GLU A 96 12.37 3.68 10.20
CA GLU A 96 13.78 3.73 10.61
C GLU A 96 14.37 2.32 10.45
N PRO A 97 15.42 2.12 9.64
CA PRO A 97 15.98 0.75 9.46
C PRO A 97 16.34 0.11 10.81
N ASP A 98 15.84 -1.15 11.01
CA ASP A 98 16.00 -2.04 12.17
CA ASP A 98 16.07 -1.99 12.20
C ASP A 98 15.28 -1.51 13.45
N ILE A 99 14.59 -0.34 13.36
CA ILE A 99 13.81 0.24 14.48
C ILE A 99 12.28 0.31 14.09
N GLY A 100 11.98 0.93 12.96
CA GLY A 100 10.63 1.11 12.46
C GLY A 100 10.09 2.47 12.82
N MET A 101 9.01 2.50 13.59
CA MET A 101 8.38 3.74 14.03
C MET A 101 7.58 3.51 15.32
N PRO A 102 7.16 4.59 16.04
CA PRO A 102 6.36 4.37 17.27
C PRO A 102 5.06 3.63 16.94
N GLU A 103 4.73 2.59 17.74
CA GLU A 103 3.55 1.74 17.58
C GLU A 103 2.25 2.54 17.32
N PRO A 104 1.97 3.68 18.03
CA PRO A 104 0.74 4.45 17.75
C PRO A 104 0.71 5.01 16.31
N ASP A 105 1.88 5.37 15.72
CA ASP A 105 1.94 5.85 14.34
C ASP A 105 1.64 4.72 13.35
N ALA A 106 2.24 3.54 13.59
CA ALA A 106 2.04 2.33 12.82
C ALA A 106 0.54 1.89 12.82
N GLN A 107 -0.15 1.99 13.98
CA GLN A 107 -1.57 1.62 14.10
C GLN A 107 -2.48 2.56 13.29
N ARG A 108 -2.20 3.87 13.34
CA ARG A 108 -2.92 4.86 12.55
C ARG A 108 -2.70 4.59 11.07
N PHE A 109 -1.44 4.38 10.60
CA PHE A 109 -1.15 4.09 9.18
C PHE A 109 -1.78 2.76 8.73
N PHE A 110 -1.76 1.72 9.60
CA PHE A 110 -2.39 0.43 9.30
C PHE A 110 -3.94 0.58 9.21
N HIS A 111 -4.57 1.41 10.08
CA HIS A 111 -6.02 1.70 10.00
C HIS A 111 -6.38 2.30 8.64
N GLN A 112 -5.56 3.27 8.19
CA GLN A 112 -5.78 3.99 6.93
C GLN A 112 -5.55 3.08 5.73
N LEU A 113 -4.55 2.18 5.85
CA LEU A 113 -4.25 1.20 4.82
C LEU A 113 -5.42 0.20 4.68
N MET A 114 -6.02 -0.23 5.81
CA MET A 114 -7.18 -1.12 5.81
C MET A 114 -8.41 -0.45 5.14
N ALA A 115 -8.72 0.83 5.51
CA ALA A 115 -9.80 1.64 4.89
C ALA A 115 -9.65 1.66 3.35
N GLY A 116 -8.43 1.96 2.89
CA GLY A 116 -8.10 2.00 1.47
C GLY A 116 -8.26 0.66 0.76
N VAL A 117 -7.81 -0.45 1.39
CA VAL A 117 -7.89 -1.82 0.83
C VAL A 117 -9.35 -2.31 0.89
N VAL A 118 -10.11 -1.99 1.97
CA VAL A 118 -11.55 -2.31 2.07
C VAL A 118 -12.27 -1.72 0.86
N TYR A 119 -12.01 -0.43 0.56
CA TYR A 119 -12.62 0.33 -0.51
C TYR A 119 -12.39 -0.35 -1.86
N LEU A 120 -11.11 -0.59 -2.17
CA LEU A 120 -10.62 -1.22 -3.38
C LEU A 120 -11.29 -2.57 -3.58
N HIS A 121 -11.26 -3.42 -2.54
CA HIS A 121 -11.85 -4.74 -2.63
C HIS A 121 -13.36 -4.65 -2.87
N GLY A 122 -14.02 -3.67 -2.24
CA GLY A 122 -15.44 -3.39 -2.40
C GLY A 122 -15.87 -3.12 -3.83
N ILE A 123 -15.00 -2.50 -4.63
CA ILE A 123 -15.27 -2.19 -6.03
C ILE A 123 -14.57 -3.20 -6.95
N GLY A 124 -14.12 -4.32 -6.39
CA GLY A 124 -13.52 -5.43 -7.13
C GLY A 124 -12.14 -5.19 -7.70
N ILE A 125 -11.36 -4.31 -7.07
CA ILE A 125 -10.00 -4.00 -7.51
C ILE A 125 -8.98 -4.57 -6.50
N THR A 126 -7.94 -5.22 -7.01
CA THR A 126 -6.81 -5.71 -6.21
C THR A 126 -5.58 -4.92 -6.69
N HIS A 127 -4.88 -4.30 -5.76
CA HIS A 127 -3.69 -3.49 -6.03
C HIS A 127 -2.52 -4.38 -6.53
N ARG A 128 -2.29 -5.53 -5.85
CA ARG A 128 -1.31 -6.59 -6.15
C ARG A 128 0.16 -6.21 -5.87
N ASP A 129 0.48 -4.97 -5.43
CA ASP A 129 1.85 -4.60 -5.14
C ASP A 129 1.96 -3.62 -3.96
N ILE A 130 1.19 -3.89 -2.87
CA ILE A 130 1.22 -3.10 -1.63
C ILE A 130 2.59 -3.24 -0.94
N LYS A 131 3.27 -2.10 -0.77
CA LYS A 131 4.58 -1.98 -0.11
C LYS A 131 4.78 -0.53 0.31
N PRO A 132 5.71 -0.20 1.27
CA PRO A 132 5.85 1.19 1.77
C PRO A 132 6.24 2.25 0.71
N GLU A 133 6.87 1.81 -0.39
CA GLU A 133 7.24 2.64 -1.55
C GLU A 133 5.98 3.16 -2.26
N ASN A 134 4.86 2.42 -2.17
CA ASN A 134 3.58 2.75 -2.86
C ASN A 134 2.57 3.39 -1.95
N LEU A 135 2.92 3.54 -0.66
CA LEU A 135 2.02 4.15 0.31
C LEU A 135 2.53 5.56 0.58
N LEU A 136 1.76 6.55 0.12
CA LEU A 136 2.12 7.97 0.21
C LEU A 136 1.37 8.66 1.31
N LEU A 137 1.94 9.76 1.81
CA LEU A 137 1.36 10.53 2.90
C LEU A 137 1.04 11.96 2.45
N ASP A 138 -0.17 12.43 2.74
CA ASP A 138 -0.55 13.80 2.38
C ASP A 138 0.02 14.80 3.45
N GLU A 139 -0.37 16.10 3.38
CA GLU A 139 0.11 17.17 4.28
C GLU A 139 -0.22 16.89 5.77
N ARG A 140 -1.36 16.23 6.06
CA ARG A 140 -1.77 15.88 7.42
C ARG A 140 -1.40 14.40 7.76
N ASP A 141 -0.43 13.84 7.00
CA ASP A 141 0.11 12.49 7.12
C ASP A 141 -0.96 11.36 6.95
N ASN A 142 -1.99 11.60 6.11
CA ASN A 142 -2.99 10.60 5.75
C ASN A 142 -2.42 9.73 4.66
N LEU A 143 -2.41 8.41 4.91
CA LEU A 143 -1.89 7.38 4.02
C LEU A 143 -2.79 7.30 2.78
N LYS A 144 -2.15 7.11 1.61
CA LYS A 144 -2.78 7.01 0.32
C LYS A 144 -2.15 5.90 -0.49
N ILE A 145 -2.97 4.98 -1.01
CA ILE A 145 -2.51 3.87 -1.85
C ILE A 145 -2.30 4.43 -3.25
N SER A 146 -1.12 4.18 -3.81
CA SER A 146 -0.76 4.67 -5.13
C SER A 146 -0.29 3.55 -6.05
N ASP A 147 -0.23 3.85 -7.38
CA ASP A 147 0.29 2.97 -8.45
C ASP A 147 -0.65 1.80 -8.74
N PHE A 148 -1.47 1.94 -9.78
CA PHE A 148 -2.42 0.90 -10.16
C PHE A 148 -1.95 0.23 -11.47
N GLY A 149 -0.65 0.33 -11.72
CA GLY A 149 0.03 -0.28 -12.85
C GLY A 149 -0.08 -1.79 -12.88
N LEU A 150 -0.05 -2.44 -11.68
CA LEU A 150 -0.14 -3.90 -11.53
C LEU A 150 -1.55 -4.33 -11.09
N ALA A 151 -2.45 -3.36 -10.83
CA ALA A 151 -3.81 -3.61 -10.35
C ALA A 151 -4.68 -4.29 -11.39
N THR A 152 -5.71 -5.02 -10.94
CA THR A 152 -6.66 -5.70 -11.83
C THR A 152 -8.03 -5.91 -11.14
N VAL A 153 -9.04 -6.23 -11.97
CA VAL A 153 -10.42 -6.49 -11.60
C VAL A 153 -10.53 -7.96 -11.22
N PHE A 154 -10.89 -8.25 -9.95
CA PHE A 154 -11.01 -9.63 -9.48
C PHE A 154 -12.48 -9.99 -9.26
N ARG A 155 -13.36 -8.97 -9.27
CA ARG A 155 -14.80 -9.18 -9.12
C ARG A 155 -15.54 -8.28 -10.10
N TYR A 156 -16.36 -8.89 -10.92
CA TYR A 156 -17.15 -8.22 -11.94
C TYR A 156 -18.52 -8.86 -12.00
N ASN A 157 -19.59 -8.04 -12.01
CA ASN A 157 -20.99 -8.52 -12.05
C ASN A 157 -21.21 -9.54 -10.92
N ASN A 158 -20.58 -9.23 -9.74
CA ASN A 158 -20.64 -10.02 -8.50
CA ASN A 158 -20.59 -10.01 -8.49
C ASN A 158 -20.14 -11.47 -8.70
N ARG A 159 -19.20 -11.68 -9.64
CA ARG A 159 -18.60 -12.99 -9.89
C ARG A 159 -17.10 -12.82 -9.67
N GLU A 160 -16.52 -13.65 -8.81
CA GLU A 160 -15.10 -13.53 -8.53
C GLU A 160 -14.27 -14.28 -9.55
N ARG A 161 -13.22 -13.65 -10.03
CA ARG A 161 -12.29 -14.30 -10.93
CA ARG A 161 -12.26 -14.22 -10.96
C ARG A 161 -10.98 -14.57 -10.20
N LEU A 162 -10.57 -15.84 -10.21
CA LEU A 162 -9.35 -16.27 -9.55
C LEU A 162 -8.14 -15.81 -10.35
N LEU A 163 -7.08 -15.39 -9.66
CA LEU A 163 -5.89 -14.95 -10.36
C LEU A 163 -4.92 -16.11 -10.58
N ASN A 164 -4.00 -15.97 -11.54
CA ASN A 164 -2.97 -16.98 -11.81
C ASN A 164 -1.60 -16.34 -12.11
N LYS A 165 -1.60 -15.05 -12.47
CA LYS A 165 -0.41 -14.29 -12.81
C LYS A 165 0.44 -13.87 -11.60
N MET A 166 1.78 -14.02 -11.73
CA MET A 166 2.82 -13.59 -10.77
C MET A 166 2.95 -12.07 -10.82
N CYS A 167 2.54 -11.38 -9.76
CA CYS A 167 2.58 -9.91 -9.66
C CYS A 167 2.97 -9.55 -8.24
N GLY A 168 3.68 -8.45 -8.07
CA GLY A 168 4.15 -8.02 -6.77
C GLY A 168 5.66 -7.93 -6.63
N THR A 169 6.12 -7.88 -5.35
CA THR A 169 7.53 -7.72 -4.92
C THR A 169 7.76 -8.84 -3.96
N LEU A 170 8.64 -9.79 -4.30
CA LEU A 170 8.91 -11.02 -3.55
C LEU A 170 8.83 -10.90 -2.00
N PRO A 171 9.48 -9.96 -1.27
CA PRO A 171 9.33 -9.96 0.19
C PRO A 171 7.90 -9.68 0.69
N TYR A 172 7.02 -9.13 -0.16
CA TYR A 172 5.62 -8.78 0.17
C TYR A 172 4.56 -9.76 -0.43
N VAL A 173 4.95 -10.68 -1.32
CA VAL A 173 3.98 -11.62 -1.92
C VAL A 173 3.58 -12.71 -0.95
N ALA A 174 2.30 -13.13 -1.04
CA ALA A 174 1.75 -14.24 -0.27
C ALA A 174 2.39 -15.56 -0.77
N PRO A 175 2.53 -16.60 0.08
CA PRO A 175 3.17 -17.85 -0.38
C PRO A 175 2.40 -18.63 -1.44
N GLU A 176 1.03 -18.51 -1.47
CA GLU A 176 0.21 -19.23 -2.46
C GLU A 176 0.52 -18.83 -3.90
N LEU A 177 0.98 -17.59 -4.09
CA LEU A 177 1.31 -17.03 -5.40
C LEU A 177 2.55 -17.77 -5.97
N LEU A 178 3.41 -18.34 -5.10
CA LEU A 178 4.58 -19.13 -5.50
C LEU A 178 4.31 -20.65 -5.54
N LYS A 179 3.24 -21.13 -4.91
CA LYS A 179 3.01 -22.57 -4.79
C LYS A 179 1.76 -23.07 -5.51
N ARG A 180 0.80 -22.19 -5.83
CA ARG A 180 -0.47 -22.58 -6.48
C ARG A 180 -0.58 -21.97 -7.85
N ARG A 181 -1.33 -22.61 -8.74
CA ARG A 181 -1.55 -22.09 -10.10
C ARG A 181 -2.56 -20.95 -10.02
N GLU A 182 -3.68 -21.17 -9.30
CA GLU A 182 -4.72 -20.17 -9.06
C GLU A 182 -4.82 -19.87 -7.58
N PHE A 183 -5.25 -18.64 -7.25
CA PHE A 183 -5.43 -18.12 -5.89
C PHE A 183 -6.45 -16.98 -5.89
N HIS A 184 -7.05 -16.71 -4.72
CA HIS A 184 -8.00 -15.62 -4.56
C HIS A 184 -7.21 -14.32 -4.39
N ALA A 185 -7.76 -13.21 -4.91
CA ALA A 185 -7.10 -11.91 -4.90
C ALA A 185 -6.99 -11.28 -3.51
N GLU A 186 -8.13 -11.13 -2.78
CA GLU A 186 -8.14 -10.46 -1.49
C GLU A 186 -7.11 -11.00 -0.48
N PRO A 187 -6.96 -12.34 -0.20
CA PRO A 187 -5.94 -12.74 0.82
C PRO A 187 -4.51 -12.35 0.46
N VAL A 188 -4.22 -12.10 -0.82
CA VAL A 188 -2.89 -11.70 -1.29
C VAL A 188 -2.57 -10.27 -0.81
N ASP A 189 -3.55 -9.35 -0.90
CA ASP A 189 -3.40 -7.95 -0.44
C ASP A 189 -3.36 -7.86 1.09
N VAL A 190 -3.97 -8.84 1.81
CA VAL A 190 -3.99 -8.88 3.28
C VAL A 190 -2.57 -9.23 3.77
N TRP A 191 -1.95 -10.25 3.11
CA TRP A 191 -0.57 -10.69 3.39
C TRP A 191 0.42 -9.52 3.23
N SER A 192 0.39 -8.78 2.10
CA SER A 192 1.32 -7.66 1.86
C SER A 192 1.15 -6.55 2.92
N CYS A 193 -0.10 -6.29 3.34
CA CYS A 193 -0.43 -5.35 4.44
C CYS A 193 0.23 -5.83 5.75
N GLY A 194 0.22 -7.13 6.01
CA GLY A 194 0.86 -7.74 7.17
C GLY A 194 2.39 -7.60 7.11
N ILE A 195 2.98 -7.74 5.93
CA ILE A 195 4.43 -7.53 5.75
C ILE A 195 4.74 -6.01 5.97
N VAL A 196 3.82 -5.10 5.52
CA VAL A 196 3.99 -3.64 5.70
C VAL A 196 3.95 -3.33 7.21
N LEU A 197 2.98 -3.92 7.94
CA LEU A 197 2.86 -3.75 9.39
C LEU A 197 4.17 -4.22 10.10
N THR A 198 4.79 -5.32 9.61
CA THR A 198 6.05 -5.86 10.17
C THR A 198 7.17 -4.83 9.96
N ALA A 199 7.30 -4.29 8.72
CA ALA A 199 8.30 -3.27 8.40
C ALA A 199 8.11 -2.06 9.27
N MET A 200 6.89 -1.62 9.49
CA MET A 200 6.57 -0.45 10.33
C MET A 200 6.93 -0.64 11.82
N LEU A 201 6.83 -1.89 12.35
CA LEU A 201 7.08 -2.14 13.76
C LEU A 201 8.48 -2.68 14.04
N ALA A 202 9.20 -3.18 13.01
CA ALA A 202 10.54 -3.75 13.21
C ALA A 202 11.61 -3.10 12.35
N GLY A 203 11.21 -2.32 11.33
CA GLY A 203 12.17 -1.67 10.46
C GLY A 203 12.99 -2.63 9.61
N GLU A 204 12.50 -3.87 9.45
CA GLU A 204 13.12 -4.89 8.63
C GLU A 204 12.06 -5.82 8.02
N LEU A 205 12.43 -6.45 6.91
CA LEU A 205 11.57 -7.39 6.21
C LEU A 205 11.88 -8.79 6.72
N PRO A 206 10.86 -9.61 7.05
CA PRO A 206 11.15 -10.90 7.70
C PRO A 206 11.88 -11.93 6.84
N TRP A 207 11.65 -11.92 5.53
CA TRP A 207 12.21 -12.89 4.59
C TRP A 207 12.26 -12.28 3.17
N ASP A 208 13.12 -12.83 2.32
CA ASP A 208 13.27 -12.45 0.92
C ASP A 208 12.05 -12.90 0.09
N GLN A 209 11.39 -14.01 0.52
CA GLN A 209 10.23 -14.61 -0.13
C GLN A 209 9.58 -15.65 0.79
N PRO A 210 8.23 -15.82 0.76
CA PRO A 210 7.60 -16.78 1.69
C PRO A 210 7.67 -18.24 1.20
N SER A 211 8.90 -18.74 1.02
CA SER A 211 9.13 -20.11 0.59
C SER A 211 9.81 -20.92 1.71
N ASP A 212 9.58 -22.23 1.71
CA ASP A 212 10.13 -23.20 2.66
C ASP A 212 11.65 -23.29 2.58
N SER A 213 12.26 -22.94 1.42
CA SER A 213 13.72 -22.90 1.24
C SER A 213 14.33 -21.68 1.98
N CYS A 214 13.47 -20.71 2.40
CA CYS A 214 13.89 -19.53 3.16
CA CYS A 214 13.91 -19.54 3.16
C CYS A 214 13.79 -19.83 4.66
N GLN A 215 14.95 -19.94 5.33
CA GLN A 215 15.10 -20.27 6.75
C GLN A 215 14.23 -19.40 7.65
N GLU A 216 14.24 -18.06 7.42
CA GLU A 216 13.45 -17.09 8.20
C GLU A 216 11.99 -17.39 8.12
N TYR A 217 11.51 -17.82 6.93
CA TYR A 217 10.11 -18.18 6.71
C TYR A 217 9.77 -19.48 7.44
N SER A 218 10.67 -20.49 7.38
CA SER A 218 10.47 -21.76 8.12
C SER A 218 10.38 -21.48 9.61
N ASP A 219 11.28 -20.64 10.14
CA ASP A 219 11.35 -20.29 11.58
C ASP A 219 10.04 -19.65 12.09
N TRP A 220 9.40 -18.84 11.24
CA TRP A 220 8.11 -18.19 11.53
C TRP A 220 7.00 -19.27 11.59
N LYS A 221 6.96 -20.20 10.61
CA LYS A 221 6.00 -21.31 10.63
C LYS A 221 6.25 -22.20 11.87
N GLU A 222 7.51 -22.26 12.36
CA GLU A 222 7.91 -23.00 13.56
C GLU A 222 7.67 -22.16 14.83
N LYS A 223 7.17 -20.91 14.68
CA LYS A 223 6.80 -19.97 15.75
C LYS A 223 8.01 -19.56 16.63
N LYS A 224 9.19 -19.39 16.00
CA LYS A 224 10.41 -18.95 16.69
C LYS A 224 10.37 -17.41 16.78
N THR A 225 9.45 -16.88 17.60
CA THR A 225 9.24 -15.43 17.71
C THR A 225 10.29 -14.75 18.60
N TYR A 226 11.19 -15.53 19.25
CA TYR A 226 12.34 -15.01 20.03
C TYR A 226 13.42 -14.48 19.10
N LEU A 227 13.27 -14.69 17.78
CA LEU A 227 14.17 -14.21 16.73
C LEU A 227 13.67 -12.89 16.14
N ASN A 228 14.53 -12.21 15.39
CA ASN A 228 14.18 -10.98 14.67
C ASN A 228 13.43 -11.35 13.41
N PRO A 229 12.46 -10.54 12.93
CA PRO A 229 12.01 -9.23 13.46
C PRO A 229 11.03 -9.26 14.64
N TRP A 230 10.40 -10.43 14.88
CA TRP A 230 9.30 -10.66 15.82
C TRP A 230 9.61 -10.29 17.28
N LYS A 231 10.88 -10.38 17.69
CA LYS A 231 11.37 -10.07 19.05
C LYS A 231 11.21 -8.56 19.38
N LYS A 232 11.17 -7.71 18.32
CA LYS A 232 11.04 -6.25 18.43
C LYS A 232 9.57 -5.81 18.51
N ILE A 233 8.63 -6.74 18.18
CA ILE A 233 7.20 -6.46 18.09
C ILE A 233 6.51 -6.90 19.39
N ASP A 234 5.64 -6.02 19.92
CA ASP A 234 4.87 -6.28 21.13
C ASP A 234 3.90 -7.41 20.86
N SER A 235 3.51 -8.13 21.91
CA SER A 235 2.63 -9.31 21.86
C SER A 235 1.24 -9.01 21.22
N ALA A 236 0.63 -7.83 21.49
CA ALA A 236 -0.67 -7.46 20.91
C ALA A 236 -0.58 -7.32 19.38
N PRO A 237 0.29 -6.48 18.75
CA PRO A 237 0.32 -6.49 17.26
C PRO A 237 0.90 -7.79 16.68
N LEU A 238 1.77 -8.50 17.44
CA LEU A 238 2.36 -9.77 17.01
C LEU A 238 1.27 -10.87 16.89
N ALA A 239 0.27 -10.87 17.80
CA ALA A 239 -0.91 -11.76 17.78
C ALA A 239 -1.70 -11.57 16.47
N LEU A 240 -1.79 -10.32 15.97
CA LEU A 240 -2.44 -9.96 14.70
C LEU A 240 -1.62 -10.50 13.53
N LEU A 241 -0.31 -10.24 13.53
CA LEU A 241 0.62 -10.75 12.51
C LEU A 241 0.56 -12.29 12.44
N HIS A 242 0.38 -12.97 13.61
CA HIS A 242 0.20 -14.41 13.65
C HIS A 242 -1.03 -14.83 12.87
N LYS A 243 -2.08 -13.97 12.84
CA LYS A 243 -3.34 -14.26 12.11
C LYS A 243 -3.28 -13.88 10.61
N ILE A 244 -2.47 -12.88 10.23
CA ILE A 244 -2.31 -12.39 8.84
C ILE A 244 -1.33 -13.28 8.07
N LEU A 245 -0.15 -13.54 8.63
CA LEU A 245 0.87 -14.30 7.90
C LEU A 245 0.72 -15.78 8.15
N VAL A 246 -0.47 -16.29 7.83
CA VAL A 246 -0.90 -17.69 7.88
C VAL A 246 -0.69 -18.21 6.46
N GLU A 247 0.02 -19.33 6.27
CA GLU A 247 0.36 -19.82 4.92
C GLU A 247 -0.87 -20.16 4.05
N ASN A 248 -1.88 -20.83 4.64
CA ASN A 248 -3.10 -21.22 3.92
C ASN A 248 -3.95 -19.98 3.70
N PRO A 249 -4.17 -19.54 2.44
CA PRO A 249 -4.97 -18.32 2.20
C PRO A 249 -6.43 -18.43 2.64
N SER A 250 -6.94 -19.66 2.84
CA SER A 250 -8.33 -19.90 3.25
C SER A 250 -8.50 -19.75 4.76
N ALA A 251 -7.42 -19.99 5.52
CA ALA A 251 -7.40 -19.91 6.98
C ALA A 251 -7.00 -18.52 7.45
N ARG A 252 -6.38 -17.72 6.57
CA ARG A 252 -5.90 -16.37 6.84
C ARG A 252 -7.03 -15.42 7.26
N ILE A 253 -6.71 -14.49 8.14
CA ILE A 253 -7.66 -13.48 8.61
C ILE A 253 -8.08 -12.60 7.43
N THR A 254 -9.36 -12.29 7.40
CA THR A 254 -9.98 -11.43 6.40
C THR A 254 -10.03 -10.06 7.06
N ILE A 255 -10.10 -8.99 6.27
CA ILE A 255 -10.16 -7.62 6.77
C ILE A 255 -11.32 -7.43 7.76
N PRO A 256 -12.59 -7.90 7.54
CA PRO A 256 -13.63 -7.68 8.57
C PRO A 256 -13.24 -8.18 9.95
N ASP A 257 -12.42 -9.24 10.01
CA ASP A 257 -11.93 -9.80 11.26
C ASP A 257 -10.69 -9.06 11.80
N ILE A 258 -9.87 -8.44 10.91
CA ILE A 258 -8.74 -7.60 11.32
C ILE A 258 -9.32 -6.41 12.15
N LYS A 259 -10.45 -5.89 11.70
CA LYS A 259 -11.19 -4.77 12.29
C LYS A 259 -11.73 -5.08 13.71
N LYS A 260 -11.80 -6.38 14.09
CA LYS A 260 -12.22 -6.88 15.40
C LYS A 260 -11.01 -7.22 16.32
N ASP A 261 -9.79 -7.33 15.75
CA ASP A 261 -8.58 -7.69 16.48
C ASP A 261 -8.33 -6.73 17.69
N ARG A 262 -7.84 -7.28 18.81
CA ARG A 262 -7.62 -6.52 20.06
C ARG A 262 -6.62 -5.34 19.87
N TRP A 263 -5.50 -5.55 19.13
CA TRP A 263 -4.53 -4.46 18.96
C TRP A 263 -5.05 -3.37 18.00
N TYR A 264 -5.75 -3.80 16.92
CA TYR A 264 -6.34 -2.91 15.93
C TYR A 264 -7.28 -1.92 16.64
N ASN A 265 -8.02 -2.37 17.67
CA ASN A 265 -8.94 -1.56 18.48
C ASN A 265 -8.35 -1.05 19.82
N LYS A 266 -7.03 -1.19 20.02
CA LYS A 266 -6.33 -0.74 21.24
C LYS A 266 -6.06 0.76 21.16
N PRO A 267 -6.51 1.56 22.16
CA PRO A 267 -6.21 3.01 22.13
C PRO A 267 -4.73 3.22 22.40
N LEU A 268 -4.06 3.94 21.50
CA LEU A 268 -2.62 4.18 21.58
C LEU A 268 -2.26 5.60 21.20
N LYS A 269 -2.86 6.05 20.10
CA LYS A 269 -2.58 7.27 19.38
C LYS A 269 -3.52 8.43 19.73
N LYS A 270 -2.90 9.59 19.99
CA LYS A 270 -3.55 10.86 20.25
C LYS A 270 -3.86 11.53 18.90
N GLY A 271 -4.82 12.46 18.91
CA GLY A 271 -5.20 13.20 17.70
C GLY A 271 -4.15 14.19 17.25
N ALA A 272 -4.32 14.80 16.10
CA ALA A 272 -3.30 15.75 15.67
C ALA A 272 -3.29 16.87 16.67
N LYS A 273 -2.10 17.33 17.03
CA LYS A 273 -1.98 18.25 18.13
C LYS A 273 -2.37 19.65 17.71
N ARG A 274 -3.58 20.00 18.11
CA ARG A 274 -4.17 21.29 17.89
C ARG A 274 -3.54 22.32 18.83
N PRO A 275 -3.45 23.58 18.39
CA PRO A 275 -2.82 24.63 19.23
C PRO A 275 -3.66 24.99 20.47
N ARG A 276 -2.98 25.20 21.61
CA ARG A 276 -3.61 25.52 22.90
C ARG A 276 -2.83 26.57 23.72
N VAL A 277 -3.57 27.33 24.56
CA VAL A 277 -3.04 28.37 25.47
C VAL A 277 -3.62 28.15 26.89
N THR A 278 -2.89 28.57 27.94
CA THR A 278 -3.33 28.37 29.33
C THR A 278 -3.66 29.72 30.03
N SER A 279 -4.35 29.63 31.19
CA SER A 279 -4.83 30.70 32.08
C SER A 279 -5.96 31.48 31.43
C19 HKC B . 7.06 15.18 -0.62
O2 HKC B . 7.98 14.27 -1.21
C18 HKC B . 7.52 13.42 -2.17
C2 HKC B . 8.42 12.40 -2.55
O1 HKC B . 9.66 12.46 -1.96
C1 HKC B . 10.60 11.44 -2.28
C17 HKC B . 6.25 13.46 -2.73
C16 HKC B . 5.87 12.50 -3.65
C4 HKC B . 6.75 11.48 -4.02
C3 HKC B . 8.03 11.43 -3.46
C7 HKC B . 4.66 12.31 -4.33
N1 HKC B . 3.30 12.85 -4.42
N2 HKC B . 2.64 12.12 -5.19
C8 HKC B . 3.49 10.99 -5.73
C6 HKC B . 4.76 11.19 -5.16
C5 HKC B . 6.11 10.60 -5.04
C9 HKC B . 3.01 9.94 -6.65
C15 HKC B . 1.66 9.85 -7.01
C14 HKC B . 1.22 8.84 -7.85
C12 HKC B . 2.13 7.93 -8.39
C11 HKC B . 3.47 8.04 -8.06
C10 HKC B . 3.90 9.04 -7.20
C13 HKC B . 1.67 6.86 -9.29
N6 HKC B . 0.38 6.64 -9.71
N5 HKC B . 0.43 5.63 -10.62
N4 HKC B . 1.67 5.22 -10.75
N3 HKC B . 2.48 5.95 -9.93
H191 HKC B . 6.65 15.93 -1.28
H192 HKC B . 7.63 15.68 0.17
H193 HKC B . 6.23 14.63 -0.17
H13 HKC B . 10.90 11.44 -3.32
H11 HKC B . 11.46 11.74 -1.68
H12 HKC B . 10.27 10.45 -1.98
H8 HKC B . 5.56 14.28 -2.54
H1 HKC B . 8.67 10.62 -3.79
H2 HKC B . 6.65 10.60 -5.98
H3 HKC B . 6.08 9.56 -4.72
H7 HKC B . 0.93 10.56 -6.61
H6 HKC B . 0.17 8.77 -8.09
H5 HKC B . 4.20 7.35 -8.47
H4 HKC B . 4.96 9.08 -6.98
S SO4 C . -4.77 -10.16 -14.94
O1 SO4 C . -3.70 -9.12 -15.11
O2 SO4 C . -6.02 -9.50 -14.65
O3 SO4 C . -4.94 -10.94 -16.19
O4 SO4 C . -4.41 -11.10 -13.86
#